data_7ZMI
#
_entry.id   7ZMI
#
_cell.length_a   42.386
_cell.length_b   42.386
_cell.length_c   215.538
_cell.angle_alpha   90.000
_cell.angle_beta   90.000
_cell.angle_gamma   90.000
#
_symmetry.space_group_name_H-M   'P 43 2 2'
#
loop_
_entity.id
_entity.type
_entity.pdbx_description
1 polymer 'Serine protease subunit NS2B'
2 polymer 'Serine protease NS3'
3 non-polymer '(2~{R})-6-[[(2~{S})-6-azanyl-2-[[(2~{S})-6-azanyl-2-(2-phenylethanoylamino)hexanoyl]amino]hexanoyl]amino]-2-carbamimidamido-hexanoic acid'
4 water water
#
loop_
_entity_poly.entity_id
_entity_poly.type
_entity_poly.pdbx_seq_one_letter_code
_entity_poly.pdbx_strand_id
1 'polypeptide(L)' MTGKSVDMYIERAGDITWEKDAEVTGNSPRLDVALDESGDFSLVEEDGPPMRE A
2 'polypeptide(L)'
;GSGALWDVPAPKEVKKGETTDGVYRVMTRRLLGSTQVGVGVMQEGVFHTMWHVTKGAALRSGEGRLDPYWGDVKQDLVSY
CGPWKLDAAWDGLSEVQLLAVPPGERAKNIQTLPGIFKTKDGDIGAVALDYPAGTSGSPILDKCGRVIGLYGNGVVIKNG
SYVSAITQGKREEETPVE
;
B
#
# COMPACT_ATOMS: atom_id res chain seq x y z
N VAL A 6 -10.46 -17.92 -3.97
CA VAL A 6 -11.76 -18.45 -3.60
C VAL A 6 -12.62 -17.36 -2.95
N ASP A 7 -12.26 -16.97 -1.72
CA ASP A 7 -13.11 -16.07 -0.94
C ASP A 7 -12.85 -14.59 -1.22
N MET A 8 -11.67 -14.23 -1.75
CA MET A 8 -11.33 -12.84 -2.01
C MET A 8 -11.35 -12.55 -3.51
N TYR A 9 -11.82 -11.36 -3.87
CA TYR A 9 -11.88 -10.93 -5.26
C TYR A 9 -11.46 -9.47 -5.35
N ILE A 10 -11.13 -9.03 -6.56
CA ILE A 10 -10.68 -7.65 -6.75
C ILE A 10 -11.63 -6.94 -7.72
N GLU A 11 -11.70 -5.61 -7.58
CA GLU A 11 -12.44 -4.78 -8.53
C GLU A 11 -11.74 -3.43 -8.68
N ARG A 12 -11.71 -2.93 -9.92
CA ARG A 12 -10.94 -1.75 -10.23
C ARG A 12 -11.50 -0.53 -9.50
N ALA A 13 -10.59 0.34 -9.03
CA ALA A 13 -10.98 1.57 -8.36
C ALA A 13 -10.43 2.82 -9.03
N GLY A 14 -9.53 2.70 -9.99
CA GLY A 14 -9.12 3.87 -10.75
C GLY A 14 -7.76 3.67 -11.38
N ASP A 15 -7.33 4.73 -12.09
CA ASP A 15 -6.02 4.82 -12.68
C ASP A 15 -4.99 5.26 -11.64
N ILE A 16 -3.72 4.95 -11.92
CA ILE A 16 -2.60 5.37 -11.09
C ILE A 16 -2.04 6.65 -11.71
N THR A 17 -2.49 7.81 -11.22
CA THR A 17 -2.05 9.09 -11.75
C THR A 17 -1.86 10.12 -10.64
N TRP A 18 -0.85 10.97 -10.82
CA TRP A 18 -0.73 12.16 -9.99
C TRP A 18 -1.85 13.16 -10.31
N GLU A 19 -2.41 13.79 -9.27
CA GLU A 19 -3.50 14.75 -9.43
C GLU A 19 -2.98 16.15 -9.16
N LYS A 20 -3.11 17.04 -10.15
CA LYS A 20 -2.45 18.33 -10.08
C LYS A 20 -2.95 19.18 -8.93
N ASP A 21 -4.23 19.05 -8.57
CA ASP A 21 -4.83 19.95 -7.59
C ASP A 21 -5.23 19.20 -6.32
N ALA A 22 -4.46 18.18 -5.94
CA ALA A 22 -4.78 17.44 -4.75
C ALA A 22 -4.58 18.31 -3.51
N GLU A 23 -5.26 17.93 -2.43
CA GLU A 23 -5.05 18.59 -1.15
C GLU A 23 -3.74 18.13 -0.52
N VAL A 24 -3.11 19.04 0.22
CA VAL A 24 -1.84 18.77 0.89
C VAL A 24 -2.08 18.75 2.39
N THR A 25 -1.66 17.67 3.04
CA THR A 25 -1.93 17.53 4.48
C THR A 25 -1.02 16.44 5.04
N GLY A 26 -0.96 16.38 6.36
CA GLY A 26 -0.19 15.37 7.05
C GLY A 26 1.21 15.85 7.42
N ASN A 27 1.74 15.30 8.51
CA ASN A 27 3.03 15.70 9.04
C ASN A 27 4.17 14.96 8.36
N SER A 28 5.40 15.25 8.81
CA SER A 28 6.61 14.59 8.30
C SER A 28 7.50 14.17 9.46
N PRO A 29 7.00 13.30 10.34
CA PRO A 29 7.78 12.95 11.54
C PRO A 29 8.94 12.01 11.23
N ARG A 30 10.02 12.18 11.99
CA ARG A 30 11.16 11.28 11.96
C ARG A 30 11.12 10.41 13.22
N LEU A 31 10.92 9.10 13.03
CA LEU A 31 10.63 8.18 14.12
C LEU A 31 11.63 7.04 14.13
N ASP A 32 12.20 6.76 15.31
CA ASP A 32 13.04 5.58 15.49
C ASP A 32 12.15 4.36 15.69
N VAL A 33 12.24 3.40 14.76
CA VAL A 33 11.39 2.22 14.79
C VAL A 33 12.26 0.98 14.61
N ALA A 34 11.67 -0.16 14.96
CA ALA A 34 12.24 -1.47 14.69
C ALA A 34 11.21 -2.33 13.95
N LEU A 35 11.71 -3.26 13.14
CA LEU A 35 10.88 -4.18 12.36
C LEU A 35 11.19 -5.60 12.79
N ASP A 36 10.17 -6.31 13.30
CA ASP A 36 10.42 -7.65 13.82
C ASP A 36 10.20 -8.70 12.73
N GLU A 37 10.48 -9.96 13.07
CA GLU A 37 10.39 -11.01 12.07
C GLU A 37 8.97 -11.21 11.55
N SER A 38 7.96 -10.85 12.34
CA SER A 38 6.57 -10.97 11.91
C SER A 38 6.10 -9.79 11.06
N GLY A 39 6.98 -8.84 10.76
CA GLY A 39 6.61 -7.76 9.88
C GLY A 39 5.89 -6.60 10.53
N ASP A 40 5.97 -6.48 11.86
CA ASP A 40 5.36 -5.38 12.61
C ASP A 40 6.42 -4.36 12.97
N PHE A 41 6.14 -3.09 12.71
CA PHE A 41 6.98 -2.03 13.23
C PHE A 41 6.59 -1.72 14.68
N SER A 42 7.58 -1.30 15.46
CA SER A 42 7.28 -0.77 16.79
C SER A 42 8.17 0.44 17.05
N LEU A 43 7.68 1.35 17.89
CA LEU A 43 8.41 2.58 18.22
C LEU A 43 9.54 2.31 19.20
N VAL A 44 10.72 2.78 18.86
CA VAL A 44 11.85 2.74 19.79
C VAL A 44 11.94 4.04 20.57
N GLU B 18 -9.42 -9.82 -16.16
CA GLU B 18 -8.96 -8.46 -16.40
C GLU B 18 -7.60 -8.19 -15.76
N THR B 19 -6.58 -8.01 -16.60
CA THR B 19 -5.26 -7.61 -16.13
C THR B 19 -5.00 -6.13 -16.33
N THR B 20 -6.06 -5.33 -16.51
CA THR B 20 -5.90 -3.90 -16.79
C THR B 20 -5.15 -3.21 -15.65
N ASP B 21 -4.12 -2.46 -16.01
CA ASP B 21 -3.36 -1.70 -15.02
C ASP B 21 -4.27 -0.76 -14.24
N GLY B 22 -3.86 -0.43 -13.02
CA GLY B 22 -4.61 0.49 -12.19
C GLY B 22 -4.64 0.03 -10.75
N VAL B 23 -5.47 0.69 -9.95
CA VAL B 23 -5.59 0.42 -8.53
C VAL B 23 -6.89 -0.33 -8.29
N TYR B 24 -6.86 -1.29 -7.38
CA TYR B 24 -7.97 -2.22 -7.18
C TYR B 24 -8.31 -2.36 -5.71
N ARG B 25 -9.59 -2.57 -5.43
CA ARG B 25 -10.03 -2.96 -4.10
C ARG B 25 -9.95 -4.48 -3.97
N VAL B 26 -9.57 -4.95 -2.79
CA VAL B 26 -9.56 -6.38 -2.45
C VAL B 26 -10.72 -6.64 -1.49
N MET B 27 -11.71 -7.38 -1.97
CA MET B 27 -12.97 -7.58 -1.27
C MET B 27 -13.12 -9.04 -0.82
N THR B 28 -13.95 -9.25 0.20
CA THR B 28 -14.39 -10.59 0.56
C THR B 28 -15.87 -10.59 0.88
N ARG B 29 -16.51 -11.75 0.67
CA ARG B 29 -17.90 -11.94 1.04
C ARG B 29 -18.05 -12.94 2.20
N ARG B 30 -16.94 -13.31 2.85
CA ARG B 30 -16.97 -14.27 3.94
C ARG B 30 -17.47 -13.69 5.25
N LEU B 31 -17.57 -12.36 5.36
CA LEU B 31 -18.15 -11.73 6.53
C LEU B 31 -19.49 -11.11 6.16
N LEU B 32 -19.92 -10.12 6.93
CA LEU B 32 -21.22 -9.50 6.73
C LEU B 32 -21.22 -8.64 5.47
N GLY B 33 -22.08 -8.99 4.51
CA GLY B 33 -22.12 -8.25 3.25
C GLY B 33 -20.80 -8.35 2.51
N SER B 34 -20.54 -7.34 1.69
CA SER B 34 -19.25 -7.24 1.02
C SER B 34 -18.33 -6.36 1.84
N THR B 35 -17.11 -6.84 2.09
CA THR B 35 -16.18 -6.16 2.98
C THR B 35 -14.86 -5.96 2.26
N GLN B 36 -14.32 -4.75 2.34
CA GLN B 36 -13.04 -4.45 1.72
C GLN B 36 -11.93 -4.66 2.73
N VAL B 37 -11.04 -5.63 2.45
CA VAL B 37 -9.91 -5.91 3.34
C VAL B 37 -8.65 -5.17 2.93
N GLY B 38 -8.58 -4.66 1.71
CA GLY B 38 -7.37 -3.98 1.29
C GLY B 38 -7.49 -3.43 -0.11
N VAL B 39 -6.32 -3.11 -0.66
CA VAL B 39 -6.17 -2.42 -1.93
C VAL B 39 -4.90 -2.98 -2.57
N GLY B 40 -4.83 -2.95 -3.90
CA GLY B 40 -3.59 -3.32 -4.54
C GLY B 40 -3.42 -2.66 -5.90
N VAL B 41 -2.27 -2.93 -6.52
CA VAL B 41 -1.84 -2.28 -7.76
C VAL B 41 -1.59 -3.35 -8.81
N MET B 42 -2.29 -3.23 -9.94
CA MET B 42 -2.06 -4.08 -11.09
C MET B 42 -1.10 -3.34 -12.02
N GLN B 43 0.05 -3.93 -12.32
CA GLN B 43 0.97 -3.29 -13.24
C GLN B 43 1.75 -4.36 -13.96
N GLU B 44 1.81 -4.27 -15.29
CA GLU B 44 2.53 -5.26 -16.10
C GLU B 44 2.02 -6.68 -15.86
N GLY B 45 0.71 -6.82 -15.69
CA GLY B 45 0.08 -8.11 -15.51
C GLY B 45 0.28 -8.73 -14.14
N VAL B 46 0.93 -8.04 -13.22
CA VAL B 46 1.20 -8.52 -11.88
C VAL B 46 0.36 -7.70 -10.89
N PHE B 47 -0.34 -8.39 -10.00
CA PHE B 47 -1.07 -7.73 -8.94
C PHE B 47 -0.20 -7.66 -7.68
N HIS B 48 -0.07 -6.47 -7.11
CA HIS B 48 0.80 -6.16 -5.98
C HIS B 48 -0.05 -5.73 -4.79
N THR B 49 0.09 -6.38 -3.65
CA THR B 49 -0.58 -5.88 -2.46
C THR B 49 0.29 -6.17 -1.24
N MET B 50 -0.28 -5.91 -0.06
CA MET B 50 0.41 -6.16 1.20
C MET B 50 0.00 -7.52 1.73
N TRP B 51 0.97 -8.22 2.34
N TRP B 51 0.97 -8.21 2.34
CA TRP B 51 0.73 -9.61 2.74
CA TRP B 51 0.76 -9.59 2.75
C TRP B 51 -0.39 -9.71 3.76
C TRP B 51 -0.37 -9.72 3.76
N HIS B 52 -0.44 -8.80 4.73
CA HIS B 52 -1.46 -8.94 5.76
C HIS B 52 -2.87 -8.80 5.20
N VAL B 53 -3.02 -8.37 3.96
CA VAL B 53 -4.35 -8.24 3.36
C VAL B 53 -4.89 -9.60 2.93
N THR B 54 -4.11 -10.35 2.15
CA THR B 54 -4.56 -11.62 1.58
C THR B 54 -4.02 -12.82 2.32
N LYS B 55 -3.00 -12.64 3.17
CA LYS B 55 -2.29 -13.74 3.80
C LYS B 55 -1.77 -14.73 2.77
N GLY B 56 -1.41 -14.21 1.58
CA GLY B 56 -0.93 -15.04 0.49
C GLY B 56 -1.96 -15.90 -0.20
N ALA B 57 -3.25 -15.68 0.04
CA ALA B 57 -4.30 -16.50 -0.55
C ALA B 57 -4.56 -16.12 -2.01
N ALA B 58 -5.01 -17.11 -2.78
CA ALA B 58 -5.42 -16.84 -4.16
C ALA B 58 -6.59 -15.85 -4.19
N LEU B 59 -6.70 -15.14 -5.31
CA LEU B 59 -7.72 -14.10 -5.51
C LEU B 59 -8.46 -14.36 -6.81
N ARG B 60 -9.71 -13.87 -6.88
CA ARG B 60 -10.50 -13.92 -8.09
C ARG B 60 -10.51 -12.55 -8.76
N SER B 61 -10.48 -12.56 -10.10
CA SER B 61 -10.68 -11.36 -10.91
C SER B 61 -11.71 -11.74 -11.98
N GLY B 62 -12.98 -11.55 -11.66
CA GLY B 62 -14.02 -12.00 -12.56
C GLY B 62 -14.09 -13.52 -12.54
N GLU B 63 -14.16 -14.12 -13.73
CA GLU B 63 -14.14 -15.57 -13.83
C GLU B 63 -12.74 -16.15 -13.68
N GLY B 64 -11.69 -15.31 -13.70
CA GLY B 64 -10.33 -15.79 -13.66
C GLY B 64 -9.76 -15.87 -12.24
N ARG B 65 -8.56 -16.42 -12.16
CA ARG B 65 -7.90 -16.67 -10.88
C ARG B 65 -6.50 -16.10 -10.89
N LEU B 66 -6.14 -15.42 -9.80
CA LEU B 66 -4.79 -14.92 -9.58
C LEU B 66 -4.17 -15.74 -8.45
N ASP B 67 -3.15 -16.53 -8.79
CA ASP B 67 -2.40 -17.32 -7.80
C ASP B 67 -1.20 -16.50 -7.30
N PRO B 68 -0.85 -16.59 -6.02
CA PRO B 68 0.33 -15.88 -5.54
C PRO B 68 1.58 -16.38 -6.25
N TYR B 69 2.56 -15.50 -6.35
CA TYR B 69 3.82 -15.78 -7.03
C TYR B 69 5.03 -15.60 -6.13
N TRP B 70 5.04 -14.52 -5.36
CA TRP B 70 6.13 -14.19 -4.47
C TRP B 70 5.51 -13.51 -3.25
N GLY B 71 6.14 -13.68 -2.10
CA GLY B 71 5.72 -12.93 -0.93
C GLY B 71 6.68 -13.10 0.22
N ASP B 72 6.54 -12.19 1.18
CA ASP B 72 7.48 -12.10 2.30
C ASP B 72 6.78 -11.43 3.47
N VAL B 73 6.59 -12.18 4.56
CA VAL B 73 5.85 -11.65 5.70
C VAL B 73 6.59 -10.47 6.32
N LYS B 74 7.91 -10.51 6.33
CA LYS B 74 8.66 -9.47 7.03
C LYS B 74 8.58 -8.16 6.28
N GLN B 75 8.65 -8.20 4.95
CA GLN B 75 8.37 -7.01 4.15
C GLN B 75 6.88 -6.70 4.12
N ASP B 76 6.02 -7.68 4.41
CA ASP B 76 4.57 -7.55 4.34
C ASP B 76 4.11 -7.22 2.92
N LEU B 77 4.67 -7.91 1.94
CA LEU B 77 4.32 -7.72 0.52
C LEU B 77 4.02 -9.06 -0.14
N VAL B 78 3.20 -9.02 -1.18
CA VAL B 78 2.91 -10.23 -1.96
C VAL B 78 2.56 -9.79 -3.38
N SER B 79 2.98 -10.61 -4.36
CA SER B 79 2.67 -10.37 -5.76
C SER B 79 1.98 -11.61 -6.34
N TYR B 80 1.15 -11.38 -7.34
CA TYR B 80 0.33 -12.38 -7.99
C TYR B 80 0.58 -12.35 -9.50
N CYS B 81 0.67 -13.54 -10.10
CA CYS B 81 0.81 -13.80 -11.53
C CYS B 81 2.23 -13.53 -12.01
N GLY B 82 3.11 -12.98 -11.18
CA GLY B 82 4.43 -12.64 -11.62
C GLY B 82 5.24 -12.08 -10.48
N PRO B 83 6.52 -11.82 -10.71
CA PRO B 83 7.35 -11.23 -9.67
C PRO B 83 7.03 -9.75 -9.50
N TRP B 84 7.41 -9.23 -8.34
CA TRP B 84 7.28 -7.82 -8.02
C TRP B 84 7.85 -6.93 -9.14
N LYS B 85 7.04 -5.95 -9.59
CA LYS B 85 7.36 -5.06 -10.72
C LYS B 85 7.64 -3.61 -10.34
N LEU B 86 7.28 -3.18 -9.13
CA LEU B 86 7.33 -1.76 -8.78
C LEU B 86 8.69 -1.47 -8.16
N ASP B 87 9.45 -0.56 -8.77
CA ASP B 87 10.81 -0.32 -8.31
C ASP B 87 11.13 1.16 -8.12
N ALA B 88 10.15 2.05 -8.26
CA ALA B 88 10.41 3.45 -8.00
C ALA B 88 10.54 3.68 -6.50
N ALA B 89 11.32 4.70 -6.12
CA ALA B 89 11.59 4.96 -4.72
C ALA B 89 11.46 6.44 -4.43
N TRP B 90 11.05 6.76 -3.20
CA TRP B 90 11.00 8.14 -2.77
C TRP B 90 12.37 8.76 -2.92
N ASP B 91 12.42 10.02 -3.35
CA ASP B 91 13.69 10.71 -3.55
C ASP B 91 14.20 11.35 -2.28
N GLY B 92 13.48 11.18 -1.16
CA GLY B 92 13.90 11.71 0.12
C GLY B 92 13.69 13.20 0.30
N LEU B 93 13.13 13.90 -0.70
CA LEU B 93 13.00 15.36 -0.68
C LEU B 93 11.62 15.86 -1.08
N SER B 94 11.06 15.30 -2.15
N SER B 94 11.06 15.30 -2.15
CA SER B 94 9.86 15.82 -2.76
CA SER B 94 9.84 15.83 -2.75
C SER B 94 8.60 15.21 -2.13
C SER B 94 8.60 15.22 -2.10
N GLU B 95 7.50 15.96 -2.21
CA GLU B 95 6.23 15.47 -1.73
C GLU B 95 5.73 14.35 -2.62
N VAL B 96 4.88 13.50 -2.05
CA VAL B 96 4.32 12.35 -2.75
C VAL B 96 2.81 12.46 -2.68
N GLN B 97 2.11 11.52 -3.31
CA GLN B 97 0.66 11.44 -3.16
C GLN B 97 0.27 10.02 -2.79
N LEU B 98 -0.45 9.87 -1.67
CA LEU B 98 -1.18 8.66 -1.37
C LEU B 98 -2.45 8.61 -2.22
N LEU B 99 -2.59 7.57 -3.03
CA LEU B 99 -3.85 7.33 -3.74
C LEU B 99 -4.68 6.40 -2.86
N ALA B 100 -5.36 7.04 -1.90
CA ALA B 100 -6.14 6.31 -0.92
C ALA B 100 -7.40 5.74 -1.54
N VAL B 101 -7.66 4.46 -1.29
CA VAL B 101 -8.89 3.84 -1.78
C VAL B 101 -9.65 3.31 -0.57
N PRO B 102 -10.42 4.15 0.12
CA PRO B 102 -11.00 3.74 1.41
C PRO B 102 -12.23 2.90 1.21
N PRO B 103 -12.61 2.08 2.19
CA PRO B 103 -13.78 1.21 2.03
C PRO B 103 -15.04 2.01 1.78
N GLY B 104 -15.72 1.68 0.69
CA GLY B 104 -16.98 2.32 0.33
C GLY B 104 -16.87 3.75 -0.14
N GLU B 105 -15.67 4.25 -0.38
CA GLU B 105 -15.49 5.63 -0.82
C GLU B 105 -14.59 5.64 -2.04
N ARG B 106 -14.74 6.68 -2.86
CA ARG B 106 -14.05 6.76 -4.13
C ARG B 106 -12.57 7.06 -3.93
N ALA B 107 -11.74 6.59 -4.87
CA ALA B 107 -10.31 6.85 -4.81
C ALA B 107 -10.03 8.35 -4.81
N LYS B 108 -9.13 8.80 -3.93
CA LYS B 108 -8.75 10.21 -3.92
C LYS B 108 -7.27 10.36 -3.58
N ASN B 109 -6.61 11.28 -4.28
CA ASN B 109 -5.19 11.52 -4.07
C ASN B 109 -5.00 12.46 -2.88
N ILE B 110 -4.05 12.13 -2.02
CA ILE B 110 -3.73 12.97 -0.88
C ILE B 110 -2.24 13.27 -0.94
N GLN B 111 -1.90 14.54 -1.07
CA GLN B 111 -0.50 14.93 -1.19
C GLN B 111 0.10 15.22 0.17
N THR B 112 1.35 14.81 0.37
CA THR B 112 1.96 14.97 1.68
C THR B 112 3.47 14.93 1.53
N LEU B 113 4.17 15.45 2.54
CA LEU B 113 5.61 15.35 2.59
C LEU B 113 5.98 14.20 3.52
N PRO B 114 6.64 13.16 3.04
CA PRO B 114 6.89 12.00 3.89
C PRO B 114 7.84 12.36 5.03
N GLY B 115 7.57 11.76 6.20
CA GLY B 115 8.56 11.65 7.25
C GLY B 115 9.47 10.48 6.98
N ILE B 116 10.13 10.00 8.03
CA ILE B 116 11.20 9.00 7.92
C ILE B 116 11.09 8.03 9.09
N PHE B 117 10.96 6.75 8.78
CA PHE B 117 11.29 5.70 9.73
C PHE B 117 12.79 5.50 9.73
N LYS B 118 13.40 5.58 10.91
CA LYS B 118 14.83 5.34 11.07
C LYS B 118 14.99 3.99 11.74
N THR B 119 15.63 3.05 11.04
CA THR B 119 15.82 1.69 11.53
C THR B 119 17.30 1.33 11.50
N LYS B 120 17.65 0.27 12.26
CA LYS B 120 19.04 -0.20 12.31
C LYS B 120 19.55 -0.63 10.95
N ASP B 121 18.67 -0.94 10.00
CA ASP B 121 19.04 -1.35 8.66
C ASP B 121 18.85 -0.25 7.63
N GLY B 122 18.54 0.97 8.05
CA GLY B 122 18.42 2.10 7.15
C GLY B 122 17.11 2.83 7.33
N ASP B 123 16.98 3.92 6.59
CA ASP B 123 15.80 4.77 6.66
C ASP B 123 14.90 4.51 5.45
N ILE B 124 13.59 4.67 5.66
CA ILE B 124 12.62 4.65 4.58
C ILE B 124 11.56 5.71 4.87
N GLY B 125 10.93 6.21 3.82
CA GLY B 125 9.90 7.21 3.97
C GLY B 125 8.68 6.67 4.68
N ALA B 126 7.92 7.59 5.26
CA ALA B 126 6.68 7.26 5.94
C ALA B 126 5.67 8.38 5.70
N VAL B 127 4.40 8.03 5.61
CA VAL B 127 3.32 9.00 5.43
C VAL B 127 2.45 8.98 6.68
N ALA B 128 2.17 10.16 7.22
CA ALA B 128 1.37 10.30 8.44
C ALA B 128 -0.09 10.60 8.09
N LEU B 129 -0.73 9.62 7.47
CA LEU B 129 -2.11 9.76 7.05
C LEU B 129 -2.90 8.57 7.60
N ASP B 130 -4.11 8.83 8.10
CA ASP B 130 -4.87 7.83 8.83
C ASP B 130 -6.13 7.46 8.08
N TYR B 131 -6.32 6.16 7.82
CA TYR B 131 -7.45 5.67 7.05
C TYR B 131 -7.86 4.32 7.61
N PRO B 132 -9.09 3.88 7.34
CA PRO B 132 -9.52 2.56 7.79
C PRO B 132 -8.52 1.47 7.41
N ALA B 133 -8.52 0.40 8.21
CA ALA B 133 -7.60 -0.71 7.95
C ALA B 133 -7.76 -1.26 6.55
N GLY B 134 -8.98 -1.28 6.03
CA GLY B 134 -9.27 -1.75 4.69
C GLY B 134 -8.65 -0.92 3.59
N THR B 135 -8.02 0.21 3.93
CA THR B 135 -7.28 0.99 2.96
C THR B 135 -5.87 0.45 2.72
N SER B 136 -5.44 -0.55 3.52
CA SER B 136 -4.11 -1.16 3.35
C SER B 136 -3.86 -1.59 1.92
N GLY B 137 -2.69 -1.23 1.39
CA GLY B 137 -2.33 -1.56 0.03
C GLY B 137 -2.43 -0.42 -0.95
N SER B 138 -2.98 0.72 -0.54
CA SER B 138 -3.15 1.82 -1.47
C SER B 138 -1.78 2.32 -1.92
N PRO B 139 -1.60 2.63 -3.21
CA PRO B 139 -0.30 3.05 -3.69
C PRO B 139 0.07 4.48 -3.32
N ILE B 140 1.38 4.69 -3.21
CA ILE B 140 2.00 6.00 -3.01
C ILE B 140 2.80 6.30 -4.27
N LEU B 141 2.67 7.53 -4.77
CA LEU B 141 3.16 7.91 -6.09
C LEU B 141 4.13 9.08 -6.00
N ASP B 142 5.07 9.13 -6.94
CA ASP B 142 5.88 10.33 -7.12
C ASP B 142 5.23 11.22 -8.19
N LYS B 143 5.87 12.36 -8.45
CA LYS B 143 5.34 13.35 -9.38
C LYS B 143 5.23 12.83 -10.81
N CYS B 144 6.04 11.83 -11.19
CA CYS B 144 5.94 11.26 -12.51
C CYS B 144 4.87 10.17 -12.62
N GLY B 145 4.13 9.92 -11.54
CA GLY B 145 3.07 8.94 -11.55
C GLY B 145 3.51 7.53 -11.20
N ARG B 146 4.77 7.32 -10.83
CA ARG B 146 5.27 6.00 -10.52
C ARG B 146 4.95 5.60 -9.09
N VAL B 147 4.67 4.32 -8.87
CA VAL B 147 4.36 3.82 -7.54
C VAL B 147 5.67 3.58 -6.79
N ILE B 148 5.87 4.31 -5.70
CA ILE B 148 7.08 4.19 -4.90
C ILE B 148 6.86 3.37 -3.65
N GLY B 149 5.69 2.82 -3.47
CA GLY B 149 5.48 1.89 -2.37
C GLY B 149 4.01 1.78 -2.06
N LEU B 150 3.72 0.90 -1.09
CA LEU B 150 2.37 0.64 -0.66
C LEU B 150 2.17 1.11 0.78
N TYR B 151 0.94 1.53 1.06
CA TYR B 151 0.52 2.08 2.34
C TYR B 151 -0.15 1.01 3.19
N GLY B 152 0.14 1.01 4.48
CA GLY B 152 -0.62 0.15 5.37
C GLY B 152 0.16 -0.68 6.38
N ASN B 153 1.48 -0.56 6.41
CA ASN B 153 2.28 -1.14 7.49
C ASN B 153 2.99 -0.03 8.24
N GLY B 154 2.61 0.19 9.49
CA GLY B 154 3.15 1.29 10.25
C GLY B 154 3.06 1.14 11.75
N VAL B 155 3.06 2.28 12.45
CA VAL B 155 3.05 2.36 13.90
C VAL B 155 1.99 3.35 14.34
N VAL B 156 1.85 3.48 15.66
CA VAL B 156 0.98 4.48 16.28
C VAL B 156 1.85 5.34 17.18
N ILE B 157 1.81 6.66 16.96
CA ILE B 157 2.74 7.59 17.59
C ILE B 157 2.25 7.93 19.00
N LYS B 158 3.07 8.69 19.75
CA LYS B 158 2.68 9.08 21.10
C LYS B 158 1.40 9.89 21.10
N ASN B 159 1.05 10.53 19.98
CA ASN B 159 -0.18 11.30 19.87
C ASN B 159 -1.40 10.43 19.67
N GLY B 160 -1.23 9.13 19.46
CA GLY B 160 -2.32 8.25 19.13
C GLY B 160 -2.61 8.13 17.64
N SER B 161 -1.94 8.91 16.79
CA SER B 161 -2.20 8.87 15.36
C SER B 161 -1.34 7.81 14.67
N TYR B 162 -1.64 7.58 13.40
CA TYR B 162 -1.05 6.48 12.63
C TYR B 162 -0.04 7.00 11.63
N VAL B 163 1.08 6.30 11.49
CA VAL B 163 2.11 6.64 10.50
C VAL B 163 2.52 5.36 9.79
N SER B 164 2.31 5.31 8.48
CA SER B 164 2.62 4.14 7.66
C SER B 164 3.95 4.30 6.95
N ALA B 165 4.71 3.22 6.89
CA ALA B 165 5.89 3.21 6.05
C ALA B 165 5.49 3.31 4.57
N ILE B 166 6.43 3.76 3.76
CA ILE B 166 6.33 3.63 2.31
C ILE B 166 7.01 2.31 1.96
N THR B 167 6.23 1.22 1.92
CA THR B 167 6.77 -0.14 1.74
C THR B 167 6.91 -0.43 0.26
N GLN B 168 8.15 -0.59 -0.20
CA GLN B 168 8.45 -0.95 -1.58
C GLN B 168 9.20 -2.29 -1.61
N GLY B 169 8.95 -3.08 -2.66
CA GLY B 169 9.64 -4.33 -2.84
C GLY B 169 10.93 -4.19 -3.64
N LYS B 170 11.55 -5.34 -3.91
CA LYS B 170 12.77 -5.43 -4.71
C LYS B 170 12.46 -6.16 -6.01
N ARG B 171 13.04 -5.68 -7.10
CA ARG B 171 12.77 -6.23 -8.43
C ARG B 171 14.00 -6.88 -9.05
#